data_3U9L
#
_entry.id   3U9L
#
_cell.length_a   58.632
_cell.length_b   106.123
_cell.length_c   128.796
_cell.angle_alpha   90.00
_cell.angle_beta   90.00
_cell.angle_gamma   90.00
#
_symmetry.space_group_name_H-M   'I 2 2 2'
#
loop_
_entity.id
_entity.type
_entity.pdbx_description
1 polymer '3-oxoacyl-[acyl-carrier-protein] reductase'
2 water water
#
_entity_poly.entity_id   1
_entity_poly.type   'polypeptide(L)'
_entity_poly.pdbx_seq_one_letter_code
;(MSE)V(MSE)SKKIILITGASSGFGRLTAEALAGAGHRVYAS(MSE)RDIVGRNASNVEAIAGFARDNDVDLRTLELDV
QSQVSVDRAIDQIIGEDGRIDVLIHNAGH(MSE)VFGPAEAFTPEQFAELYDINVLSTQRVNRAALPH(MSE)RRQKHGL
LIWISSSSSAGGTPPYLAPYFAAKAA(MSE)DAIAVQYARELSRWGIETSIIVPGAFTSGTNHFAHSGVPDDHARQAEYE
AGPNAGLGEEIKKAFAAIVPPDADVSLVADAIVRVVGTASGKRPFRVHVDPAEDGADVGFSVLDRLRAE(MSE)LHRVGL
SDLLKPRALAAENLYFQSHHHHHHWSHPQFEK
;
_entity_poly.pdbx_strand_id   A
#
# COMPACT_ATOMS: atom_id res chain seq x y z
N LYS A 5 -18.39 -13.12 4.90
CA LYS A 5 -18.46 -11.74 4.38
C LYS A 5 -17.86 -10.74 5.36
N LYS A 6 -16.85 -10.03 4.90
CA LYS A 6 -15.98 -9.21 5.73
C LYS A 6 -16.27 -7.75 5.50
N ILE A 7 -15.99 -6.96 6.53
CA ILE A 7 -16.03 -5.53 6.41
C ILE A 7 -14.60 -4.99 6.16
N ILE A 8 -14.44 -4.32 5.04
CA ILE A 8 -13.11 -3.97 4.52
C ILE A 8 -12.97 -2.49 4.22
N LEU A 9 -11.88 -1.91 4.68
CA LEU A 9 -11.57 -0.52 4.36
C LEU A 9 -10.27 -0.49 3.56
N ILE A 10 -10.29 0.17 2.40
CA ILE A 10 -9.09 0.39 1.58
C ILE A 10 -8.83 1.89 1.44
N THR A 11 -7.60 2.31 1.69
CA THR A 11 -7.24 3.70 1.52
C THR A 11 -6.71 3.99 0.09
N GLY A 12 -6.80 5.24 -0.32
CA GLY A 12 -6.29 5.67 -1.62
C GLY A 12 -6.87 4.84 -2.74
N ALA A 13 -8.17 4.58 -2.67
CA ALA A 13 -8.84 3.71 -3.63
C ALA A 13 -9.46 4.39 -4.86
N SER A 14 -9.05 5.62 -5.17
CA SER A 14 -9.67 6.35 -6.28
C SER A 14 -9.40 5.72 -7.64
N SER A 15 -8.25 5.08 -7.78
CA SER A 15 -7.89 4.42 -9.02
C SER A 15 -6.79 3.39 -8.71
N GLY A 16 -6.17 2.85 -9.76
CA GLY A 16 -4.95 2.05 -9.58
C GLY A 16 -5.23 0.71 -8.93
N PHE A 17 -4.30 0.21 -8.12
CA PHE A 17 -4.54 -1.07 -7.45
C PHE A 17 -5.67 -0.89 -6.50
N GLY A 18 -5.73 0.28 -5.88
CA GLY A 18 -6.72 0.53 -4.86
C GLY A 18 -8.13 0.26 -5.38
N ARG A 19 -8.44 0.89 -6.49
CA ARG A 19 -9.76 0.76 -7.08
C ARG A 19 -10.09 -0.61 -7.62
N LEU A 20 -9.20 -1.25 -8.35
CA LEU A 20 -9.50 -2.57 -8.85
C LEU A 20 -9.62 -3.53 -7.67
N THR A 21 -8.83 -3.28 -6.65
CA THR A 21 -8.95 -4.17 -5.48
C THR A 21 -10.29 -4.03 -4.78
N ALA A 22 -10.75 -2.79 -4.59
CA ALA A 22 -12.07 -2.56 -3.96
C ALA A 22 -13.17 -3.24 -4.79
N GLU A 23 -13.11 -3.09 -6.11
CA GLU A 23 -14.11 -3.73 -6.97
C GLU A 23 -14.04 -5.25 -6.91
N ALA A 24 -12.85 -5.82 -6.99
CA ALA A 24 -12.75 -7.29 -6.91
C ALA A 24 -13.22 -7.86 -5.57
N LEU A 25 -12.89 -7.16 -4.48
CA LEU A 25 -13.32 -7.62 -3.16
C LEU A 25 -14.83 -7.53 -3.05
N ALA A 26 -15.40 -6.48 -3.61
CA ALA A 26 -16.85 -6.33 -3.56
C ALA A 26 -17.48 -7.43 -4.46
N GLY A 27 -16.83 -7.75 -5.57
CA GLY A 27 -17.28 -8.82 -6.43
C GLY A 27 -17.31 -10.15 -5.68
N ALA A 28 -16.41 -10.31 -4.72
CA ALA A 28 -16.32 -11.54 -3.96
C ALA A 28 -17.33 -11.53 -2.85
N GLY A 29 -18.15 -10.51 -2.78
CA GLY A 29 -19.25 -10.56 -1.85
C GLY A 29 -18.99 -9.81 -0.57
N HIS A 30 -17.86 -9.09 -0.47
CA HIS A 30 -17.56 -8.38 0.78
C HIS A 30 -18.20 -7.01 0.82
N ARG A 31 -18.31 -6.47 2.03
CA ARG A 31 -18.67 -5.10 2.23
C ARG A 31 -17.42 -4.26 2.23
N VAL A 32 -17.24 -3.47 1.16
CA VAL A 32 -16.01 -2.74 0.88
C VAL A 32 -16.16 -1.23 0.95
N TYR A 33 -15.40 -0.61 1.86
CA TYR A 33 -15.32 0.84 1.87
C TYR A 33 -14.15 1.32 1.08
N ALA A 34 -14.41 1.89 -0.09
CA ALA A 34 -13.33 2.38 -0.91
C ALA A 34 -13.15 3.86 -0.61
N SER A 35 -12.14 4.21 0.18
CA SER A 35 -12.01 5.58 0.66
C SER A 35 -11.00 6.39 -0.16
N MSE A 36 -11.14 7.71 -0.12
CA MSE A 36 -10.26 8.63 -0.87
C MSE A 36 -10.51 10.08 -0.44
O MSE A 36 -11.49 10.37 0.21
CB MSE A 36 -10.53 8.50 -2.38
CG MSE A 36 -11.90 9.04 -2.82
SE MSE A 36 -12.57 8.18 -4.51
CE MSE A 36 -12.96 6.36 -3.83
N ARG A 37 -9.59 10.97 -0.78
CA ARG A 37 -9.66 12.39 -0.42
C ARG A 37 -10.58 13.16 -1.38
N ASP A 38 -11.16 14.24 -0.88
CA ASP A 38 -11.85 15.20 -1.72
C ASP A 38 -12.87 14.59 -2.68
N ILE A 39 -13.85 13.87 -2.19
CA ILE A 39 -14.77 13.20 -3.10
C ILE A 39 -15.69 14.19 -3.84
N VAL A 40 -15.83 15.41 -3.32
CA VAL A 40 -16.68 16.43 -3.97
C VAL A 40 -15.95 17.18 -5.08
N GLY A 41 -14.64 17.31 -4.95
CA GLY A 41 -13.86 17.96 -5.97
C GLY A 41 -13.06 17.00 -6.82
N ARG A 42 -11.76 16.95 -6.49
CA ARG A 42 -10.77 16.21 -7.26
C ARG A 42 -11.14 14.75 -7.64
N ASN A 43 -11.83 14.03 -6.75
CA ASN A 43 -12.16 12.62 -7.03
C ASN A 43 -13.64 12.40 -7.46
N ALA A 44 -14.35 13.49 -7.77
CA ALA A 44 -15.81 13.39 -8.08
C ALA A 44 -16.05 12.41 -9.22
N SER A 45 -15.19 12.44 -10.25
CA SER A 45 -15.35 11.50 -11.35
C SER A 45 -15.04 10.06 -10.97
N ASN A 46 -14.06 9.89 -10.10
CA ASN A 46 -13.68 8.55 -9.68
C ASN A 46 -14.79 7.94 -8.87
N VAL A 47 -15.40 8.78 -8.03
CA VAL A 47 -16.56 8.40 -7.23
C VAL A 47 -17.63 7.91 -8.21
N GLU A 48 -17.89 8.70 -9.28
CA GLU A 48 -18.94 8.33 -10.25
C GLU A 48 -18.62 7.02 -10.91
N ALA A 49 -17.36 6.85 -11.31
CA ALA A 49 -16.92 5.62 -11.96
C ALA A 49 -17.13 4.40 -11.10
N ILE A 50 -16.75 4.50 -9.82
CA ILE A 50 -16.86 3.40 -8.87
C ILE A 50 -18.32 3.13 -8.51
N ALA A 51 -19.06 4.20 -8.27
CA ALA A 51 -20.48 4.06 -7.94
C ALA A 51 -21.24 3.36 -9.09
N GLY A 52 -20.93 3.70 -10.33
CA GLY A 52 -21.56 3.11 -11.48
C GLY A 52 -21.28 1.61 -11.54
N PHE A 53 -20.02 1.23 -11.33
CA PHE A 53 -19.64 -0.19 -11.26
C PHE A 53 -20.42 -0.92 -10.17
N ALA A 54 -20.51 -0.33 -8.99
CA ALA A 54 -21.18 -0.98 -7.85
C ALA A 54 -22.65 -1.25 -8.16
N ARG A 55 -23.33 -0.28 -8.78
CA ARG A 55 -24.78 -0.47 -9.05
C ARG A 55 -24.96 -1.42 -10.23
N ASP A 56 -24.08 -1.30 -11.21
CA ASP A 56 -24.22 -2.17 -12.36
C ASP A 56 -24.04 -3.63 -11.96
N ASN A 57 -23.19 -3.90 -10.97
CA ASN A 57 -22.91 -5.28 -10.62
C ASN A 57 -23.66 -5.70 -9.39
N ASP A 58 -24.39 -4.78 -8.79
CA ASP A 58 -25.12 -5.10 -7.56
C ASP A 58 -24.21 -5.64 -6.44
N VAL A 59 -23.15 -4.88 -6.14
CA VAL A 59 -22.21 -5.25 -5.08
C VAL A 59 -22.17 -4.19 -3.99
N ASP A 60 -21.77 -4.63 -2.79
CA ASP A 60 -21.72 -3.81 -1.59
C ASP A 60 -20.39 -3.02 -1.54
N LEU A 61 -20.22 -2.16 -2.52
CA LEU A 61 -19.07 -1.27 -2.66
C LEU A 61 -19.48 0.15 -2.29
N ARG A 62 -18.85 0.73 -1.28
CA ARG A 62 -19.21 2.05 -0.80
C ARG A 62 -18.02 3.01 -0.88
N THR A 63 -18.26 4.29 -1.14
CA THR A 63 -17.16 5.21 -1.25
C THR A 63 -17.26 6.08 -0.02
N LEU A 64 -16.12 6.57 0.45
CA LEU A 64 -16.07 7.21 1.73
C LEU A 64 -14.99 8.25 1.62
N GLU A 65 -15.23 9.46 2.10
CA GLU A 65 -14.21 10.47 2.11
C GLU A 65 -13.21 10.22 3.26
N LEU A 66 -11.93 10.11 2.91
CA LEU A 66 -10.91 9.86 3.94
C LEU A 66 -9.60 10.40 3.42
N ASP A 67 -9.20 11.53 3.99
CA ASP A 67 -7.98 12.19 3.60
C ASP A 67 -6.89 11.72 4.58
N VAL A 68 -5.94 10.90 4.12
CA VAL A 68 -5.02 10.27 5.08
C VAL A 68 -4.03 11.26 5.62
N GLN A 69 -4.02 12.47 5.07
CA GLN A 69 -3.09 13.49 5.57
C GLN A 69 -3.76 14.28 6.71
N SER A 70 -5.04 13.99 7.00
CA SER A 70 -5.74 14.70 8.06
C SER A 70 -6.23 13.76 9.14
N GLN A 71 -5.69 13.86 10.36
CA GLN A 71 -6.17 12.94 11.43
C GLN A 71 -7.66 13.10 11.64
N VAL A 72 -8.14 14.33 11.60
CA VAL A 72 -9.56 14.60 11.75
C VAL A 72 -10.39 13.91 10.67
N SER A 73 -9.98 14.03 9.43
CA SER A 73 -10.61 13.27 8.37
C SER A 73 -10.62 11.74 8.61
N VAL A 74 -9.45 11.21 8.93
CA VAL A 74 -9.31 9.78 9.21
C VAL A 74 -10.25 9.35 10.32
N ASP A 75 -10.25 10.10 11.43
CA ASP A 75 -11.05 9.71 12.61
C ASP A 75 -12.53 9.66 12.26
N ARG A 76 -12.99 10.68 11.57
CA ARG A 76 -14.37 10.77 11.16
C ARG A 76 -14.77 9.56 10.36
N ALA A 77 -13.95 9.19 9.38
CA ALA A 77 -14.28 8.11 8.46
C ALA A 77 -14.32 6.77 9.20
N ILE A 78 -13.41 6.59 10.15
CA ILE A 78 -13.38 5.34 10.95
C ILE A 78 -14.60 5.28 11.84
N ASP A 79 -14.90 6.38 12.52
CA ASP A 79 -16.18 6.46 13.26
C ASP A 79 -17.42 6.16 12.43
N GLN A 80 -17.44 6.59 11.16
CA GLN A 80 -18.60 6.22 10.31
C GLN A 80 -18.78 4.71 10.09
N ILE A 81 -17.69 4.05 9.74
CA ILE A 81 -17.69 2.61 9.53
C ILE A 81 -18.07 1.87 10.82
N ILE A 82 -17.46 2.23 11.91
CA ILE A 82 -17.74 1.52 13.18
C ILE A 82 -19.21 1.75 13.63
N GLY A 83 -19.67 3.00 13.60
CA GLY A 83 -21.09 3.28 13.84
C GLY A 83 -22.05 2.52 12.94
N GLU A 84 -21.66 2.26 11.70
CA GLU A 84 -22.51 1.52 10.78
C GLU A 84 -22.40 0.00 10.93
N ASP A 85 -21.17 -0.51 11.08
CA ASP A 85 -20.91 -1.94 10.93
C ASP A 85 -20.41 -2.60 12.22
N GLY A 86 -19.99 -1.78 13.18
CA GLY A 86 -19.52 -2.33 14.44
C GLY A 86 -18.01 -2.70 14.45
N ARG A 87 -17.40 -2.88 13.28
CA ARG A 87 -16.01 -3.37 13.24
C ARG A 87 -15.40 -3.18 11.85
N ILE A 88 -14.06 -3.37 11.78
CA ILE A 88 -13.37 -3.53 10.50
C ILE A 88 -12.63 -4.84 10.51
N ASP A 89 -12.92 -5.71 9.53
CA ASP A 89 -12.31 -7.04 9.50
C ASP A 89 -10.98 -7.02 8.79
N VAL A 90 -10.86 -6.18 7.76
CA VAL A 90 -9.68 -6.10 6.89
C VAL A 90 -9.37 -4.60 6.65
N LEU A 91 -8.15 -4.23 6.92
CA LEU A 91 -7.68 -2.86 6.74
C LEU A 91 -6.58 -2.93 5.65
N ILE A 92 -6.82 -2.24 4.53
CA ILE A 92 -5.89 -2.28 3.40
C ILE A 92 -5.20 -0.93 3.23
N HIS A 93 -3.92 -0.90 3.62
CA HIS A 93 -3.12 0.29 3.48
C HIS A 93 -2.59 0.40 2.05
N ASN A 94 -3.11 1.34 1.29
CA ASN A 94 -2.75 1.46 -0.11
C ASN A 94 -2.44 2.90 -0.47
N ALA A 95 -3.07 3.89 0.15
CA ALA A 95 -2.66 5.28 -0.20
C ALA A 95 -1.13 5.42 -0.51
N GLY A 96 -0.77 6.07 -1.63
CA GLY A 96 0.63 6.23 -2.02
C GLY A 96 0.82 7.29 -3.08
N HIS A 97 2.06 7.59 -3.43
CA HIS A 97 2.32 8.66 -4.43
C HIS A 97 3.82 8.69 -4.64
N MSE A 98 4.22 8.72 -5.92
CA MSE A 98 5.62 8.66 -6.30
C MSE A 98 6.16 9.93 -7.05
O MSE A 98 5.39 10.82 -7.40
CB MSE A 98 5.86 7.38 -7.11
CG MSE A 98 5.72 7.41 -8.60
SE MSE A 98 5.63 5.41 -9.00
CE MSE A 98 6.86 5.29 -10.57
N VAL A 99 7.49 9.96 -7.25
CA VAL A 99 8.16 11.12 -7.87
C VAL A 99 9.36 10.64 -8.64
N PHE A 100 9.89 11.48 -9.52
CA PHE A 100 11.01 11.11 -10.35
C PHE A 100 11.99 12.27 -10.52
N GLY A 101 13.27 11.98 -10.35
CA GLY A 101 14.27 13.03 -10.46
C GLY A 101 15.49 12.71 -9.61
N PRO A 102 16.58 13.48 -9.82
CA PRO A 102 17.82 13.32 -9.09
C PRO A 102 17.53 13.63 -7.64
N ALA A 103 18.03 12.80 -6.74
CA ALA A 103 17.65 12.93 -5.31
C ALA A 103 18.09 14.27 -4.75
N GLU A 104 19.27 14.72 -5.16
CA GLU A 104 19.82 16.00 -4.67
C GLU A 104 18.93 17.17 -4.97
N ALA A 105 18.09 17.08 -6.02
CA ALA A 105 17.26 18.20 -6.48
C ALA A 105 15.92 18.28 -5.75
N PHE A 106 15.58 17.21 -5.05
CA PHE A 106 14.40 17.20 -4.15
C PHE A 106 14.76 17.87 -2.85
N THR A 107 13.90 18.76 -2.36
CA THR A 107 14.19 19.44 -1.12
C THR A 107 13.88 18.55 0.11
N PRO A 108 14.45 18.91 1.27
CA PRO A 108 14.20 18.17 2.51
C PRO A 108 12.71 18.06 2.80
N GLU A 109 11.97 19.13 2.51
CA GLU A 109 10.53 19.14 2.72
C GLU A 109 9.85 18.16 1.77
N GLN A 110 10.36 18.07 0.55
CA GLN A 110 9.83 17.16 -0.45
C GLN A 110 9.85 15.73 0.08
N PHE A 111 11.01 15.33 0.61
CA PHE A 111 11.17 13.99 1.18
C PHE A 111 10.17 13.82 2.32
N ALA A 112 10.02 14.84 3.14
CA ALA A 112 9.06 14.85 4.25
C ALA A 112 7.63 14.65 3.78
N GLU A 113 7.27 15.32 2.71
CA GLU A 113 5.93 15.23 2.18
C GLU A 113 5.62 13.83 1.69
N LEU A 114 6.60 13.23 1.09
CA LEU A 114 6.52 11.89 0.58
C LEU A 114 6.29 10.90 1.75
N TYR A 115 7.14 10.98 2.76
CA TYR A 115 6.96 10.27 3.99
C TYR A 115 5.54 10.45 4.55
N ASP A 116 5.04 11.68 4.58
CA ASP A 116 3.71 11.97 5.03
C ASP A 116 2.72 11.11 4.24
N ILE A 117 2.77 11.25 2.96
CA ILE A 117 1.81 10.51 2.09
C ILE A 117 1.92 8.97 2.15
N ASN A 118 3.14 8.47 2.19
CA ASN A 118 3.31 7.03 2.04
C ASN A 118 3.44 6.28 3.38
N VAL A 119 3.80 7.00 4.43
CA VAL A 119 3.99 6.38 5.75
C VAL A 119 3.12 6.95 6.88
N LEU A 120 3.19 8.26 7.09
CA LEU A 120 2.44 8.88 8.18
C LEU A 120 0.96 8.65 7.95
N SER A 121 0.55 8.58 6.68
CA SER A 121 -0.78 8.20 6.33
C SER A 121 -1.23 6.91 7.03
N THR A 122 -0.41 5.85 6.93
CA THR A 122 -0.75 4.56 7.56
C THR A 122 -0.82 4.67 9.09
N GLN A 123 0.01 5.51 9.67
CA GLN A 123 0.02 5.65 11.10
C GLN A 123 -1.27 6.34 11.59
N ARG A 124 -1.72 7.38 10.90
CA ARG A 124 -3.00 8.01 11.22
C ARG A 124 -4.12 6.99 11.14
N VAL A 125 -4.15 6.24 10.07
CA VAL A 125 -5.18 5.24 9.89
C VAL A 125 -5.08 4.14 10.95
N ASN A 126 -3.87 3.64 11.17
CA ASN A 126 -3.72 2.61 12.20
C ASN A 126 -4.13 3.08 13.62
N ARG A 127 -3.69 4.28 13.98
CA ARG A 127 -4.01 4.78 15.30
C ARG A 127 -5.53 4.93 15.49
N ALA A 128 -6.25 5.21 14.40
CA ALA A 128 -7.72 5.29 14.43
C ALA A 128 -8.41 3.93 14.46
N ALA A 129 -7.97 3.02 13.62
CA ALA A 129 -8.61 1.73 13.41
C ALA A 129 -8.22 0.64 14.36
N LEU A 130 -6.95 0.63 14.72
CA LEU A 130 -6.45 -0.41 15.56
C LEU A 130 -7.12 -0.61 16.93
N PRO A 131 -7.50 0.44 17.61
CA PRO A 131 -8.20 0.25 18.88
C PRO A 131 -9.42 -0.61 18.66
N HIS A 132 -10.18 -0.41 17.58
CA HIS A 132 -11.31 -1.25 17.35
C HIS A 132 -10.92 -2.69 17.01
N MSE A 133 -9.89 -2.87 16.20
CA MSE A 133 -9.51 -4.21 15.82
C MSE A 133 -8.93 -4.98 17.01
O MSE A 133 -9.16 -6.13 17.14
CB MSE A 133 -8.62 -4.22 14.59
CG MSE A 133 -9.19 -3.45 13.38
SE MSE A 133 -8.07 -3.23 11.84
CE MSE A 133 -8.01 -4.98 11.37
N ARG A 134 -8.27 -4.28 17.90
CA ARG A 134 -7.72 -4.86 19.07
C ARG A 134 -8.80 -5.33 20.03
N ARG A 135 -9.88 -4.57 20.14
CA ARG A 135 -11.05 -5.03 20.93
C ARG A 135 -11.67 -6.29 20.38
N GLN A 136 -11.65 -6.45 19.07
CA GLN A 136 -12.17 -7.68 18.50
C GLN A 136 -11.26 -8.86 18.77
N LYS A 137 -9.97 -8.60 19.01
CA LYS A 137 -8.99 -9.68 19.04
C LYS A 137 -8.93 -10.49 17.73
N HIS A 138 -9.11 -9.81 16.62
CA HIS A 138 -9.21 -10.48 15.34
C HIS A 138 -9.13 -9.40 14.27
N GLY A 139 -8.66 -9.73 13.06
CA GLY A 139 -8.62 -8.73 11.99
C GLY A 139 -7.42 -9.00 11.08
N LEU A 140 -7.36 -8.34 9.94
CA LEU A 140 -6.25 -8.55 9.00
C LEU A 140 -5.84 -7.23 8.48
N LEU A 141 -4.54 -6.94 8.59
CA LEU A 141 -3.93 -5.79 7.95
C LEU A 141 -3.27 -6.28 6.69
N ILE A 142 -3.56 -5.58 5.59
CA ILE A 142 -2.85 -5.86 4.35
C ILE A 142 -2.15 -4.57 3.96
N TRP A 143 -0.86 -4.65 3.66
CA TRP A 143 -0.13 -3.47 3.26
C TRP A 143 0.25 -3.66 1.81
N ILE A 144 0.13 -2.62 0.99
CA ILE A 144 0.64 -2.69 -0.39
C ILE A 144 2.00 -2.10 -0.33
N SER A 145 2.99 -2.95 -0.49
CA SER A 145 4.34 -2.53 -0.31
C SER A 145 4.84 -2.30 -1.74
N SER A 146 6.11 -2.63 -1.99
CA SER A 146 6.72 -2.35 -3.28
C SER A 146 7.92 -3.27 -3.50
N SER A 147 8.02 -3.86 -4.69
CA SER A 147 9.19 -4.69 -5.03
C SER A 147 10.50 -3.91 -4.85
N SER A 148 10.43 -2.58 -4.94
CA SER A 148 11.65 -1.79 -4.80
C SER A 148 12.35 -1.90 -3.43
N SER A 149 11.60 -2.25 -2.38
CA SER A 149 12.23 -2.29 -1.05
C SER A 149 13.14 -3.50 -0.90
N ALA A 150 13.07 -4.49 -1.78
CA ALA A 150 14.07 -5.59 -1.74
C ALA A 150 14.43 -6.20 -3.13
N GLY A 151 14.23 -5.47 -4.22
CA GLY A 151 14.52 -6.01 -5.52
C GLY A 151 15.37 -5.00 -6.29
N GLY A 152 15.68 -5.33 -7.53
CA GLY A 152 16.46 -4.45 -8.38
C GLY A 152 15.65 -3.21 -8.66
N THR A 153 16.25 -2.02 -8.62
CA THR A 153 15.44 -0.81 -8.78
C THR A 153 16.14 0.23 -9.68
N PRO A 154 15.35 1.16 -10.23
CA PRO A 154 15.99 2.28 -10.98
C PRO A 154 16.45 3.41 -10.02
N PRO A 155 17.43 4.19 -10.46
CA PRO A 155 17.75 5.42 -9.72
C PRO A 155 16.64 6.47 -9.96
N TYR A 156 16.71 7.62 -9.32
CA TYR A 156 15.83 8.76 -9.63
C TYR A 156 14.44 8.69 -9.08
N LEU A 157 14.22 7.83 -8.07
CA LEU A 157 12.95 7.89 -7.33
C LEU A 157 13.22 7.88 -5.81
N ALA A 158 14.34 8.43 -5.36
CA ALA A 158 14.77 8.26 -3.95
C ALA A 158 13.74 8.63 -2.89
N PRO A 159 13.11 9.81 -2.99
CA PRO A 159 12.16 10.11 -1.89
C PRO A 159 10.99 9.13 -1.81
N TYR A 160 10.60 8.56 -2.93
CA TYR A 160 9.56 7.58 -3.01
C TYR A 160 10.00 6.21 -2.48
N PHE A 161 11.06 5.66 -3.04
CA PHE A 161 11.63 4.40 -2.61
C PHE A 161 12.00 4.43 -1.11
N ALA A 162 12.56 5.55 -0.61
CA ALA A 162 12.80 5.71 0.83
C ALA A 162 11.51 5.50 1.63
N ALA A 163 10.47 6.23 1.26
CA ALA A 163 9.22 6.16 1.98
C ALA A 163 8.65 4.75 1.93
N LYS A 164 8.72 4.07 0.79
CA LYS A 164 8.17 2.71 0.68
C LYS A 164 9.00 1.74 1.52
N ALA A 165 10.32 1.92 1.55
CA ALA A 165 11.19 1.08 2.33
C ALA A 165 10.86 1.20 3.83
N ALA A 166 10.57 2.42 4.27
CA ALA A 166 10.19 2.67 5.68
C ALA A 166 8.84 2.01 5.88
N MSE A 167 7.93 2.14 4.91
CA MSE A 167 6.60 1.57 5.11
C MSE A 167 6.60 0.04 5.28
O MSE A 167 5.89 -0.53 6.11
CB MSE A 167 5.62 1.94 3.96
CG MSE A 167 4.15 1.58 4.31
SE MSE A 167 3.25 0.71 2.73
CE MSE A 167 4.04 -1.09 2.96
N ASP A 168 7.43 -0.62 4.48
CA ASP A 168 7.55 -2.05 4.65
C ASP A 168 8.14 -2.44 6.04
N ALA A 169 9.16 -1.71 6.50
CA ALA A 169 9.79 -1.93 7.81
C ALA A 169 8.75 -1.80 8.91
N ILE A 170 7.88 -0.81 8.78
CA ILE A 170 6.79 -0.59 9.73
C ILE A 170 5.77 -1.70 9.68
N ALA A 171 5.43 -2.17 8.51
CA ALA A 171 4.44 -3.24 8.39
C ALA A 171 4.90 -4.48 9.15
N VAL A 172 6.19 -4.73 9.05
CA VAL A 172 6.79 -5.92 9.64
C VAL A 172 6.74 -5.83 11.15
N GLN A 173 7.04 -4.66 11.69
CA GLN A 173 7.00 -4.40 13.09
C GLN A 173 5.61 -4.59 13.68
N TYR A 174 4.59 -4.04 13.02
CA TYR A 174 3.21 -4.18 13.47
C TYR A 174 2.77 -5.64 13.44
N ALA A 175 3.20 -6.37 12.42
CA ALA A 175 2.91 -7.80 12.32
C ALA A 175 3.26 -8.50 13.65
N ARG A 176 4.45 -8.21 14.20
CA ARG A 176 4.89 -8.84 15.48
C ARG A 176 4.13 -8.27 16.67
N GLU A 177 3.98 -6.94 16.68
CA GLU A 177 3.45 -6.25 17.82
C GLU A 177 1.92 -6.45 17.95
N LEU A 178 1.25 -6.83 16.87
CA LEU A 178 -0.17 -7.06 16.93
C LEU A 178 -0.48 -8.55 17.04
N SER A 179 0.51 -9.41 16.85
CA SER A 179 0.14 -10.81 16.76
C SER A 179 -0.54 -11.36 18.10
N ARG A 180 -0.07 -10.90 19.25
CA ARG A 180 -0.66 -11.44 20.51
C ARG A 180 -2.09 -10.91 20.65
N TRP A 181 -2.42 -9.88 19.87
CA TRP A 181 -3.77 -9.39 19.87
C TRP A 181 -4.66 -10.14 18.91
N GLY A 182 -4.15 -11.21 18.29
CA GLY A 182 -4.91 -11.94 17.31
C GLY A 182 -5.00 -11.36 15.88
N ILE A 183 -4.28 -10.25 15.62
CA ILE A 183 -4.36 -9.58 14.33
C ILE A 183 -3.31 -10.09 13.33
N GLU A 184 -3.79 -10.47 12.17
CA GLU A 184 -2.98 -11.08 11.13
C GLU A 184 -2.44 -9.99 10.19
N THR A 185 -1.36 -10.29 9.50
CA THR A 185 -0.76 -9.36 8.54
C THR A 185 -0.43 -10.09 7.25
N SER A 186 -0.69 -9.43 6.14
CA SER A 186 -0.23 -9.92 4.87
C SER A 186 0.27 -8.71 4.05
N ILE A 187 1.43 -8.85 3.39
CA ILE A 187 2.03 -7.75 2.70
C ILE A 187 2.08 -8.11 1.20
N ILE A 188 1.51 -7.26 0.38
CA ILE A 188 1.52 -7.45 -1.05
C ILE A 188 2.71 -6.67 -1.60
N VAL A 189 3.48 -7.37 -2.41
CA VAL A 189 4.67 -6.84 -3.00
C VAL A 189 4.56 -6.74 -4.56
N PRO A 190 3.97 -5.64 -5.06
CA PRO A 190 3.79 -5.43 -6.51
C PRO A 190 5.05 -4.96 -7.17
N GLY A 191 5.33 -5.52 -8.35
CA GLY A 191 6.45 -5.08 -9.15
C GLY A 191 5.99 -3.93 -10.04
N ALA A 192 6.72 -3.73 -11.12
CA ALA A 192 6.47 -2.67 -12.10
C ALA A 192 5.38 -3.06 -13.04
N PHE A 193 4.40 -2.18 -13.21
CA PHE A 193 3.38 -2.45 -14.21
C PHE A 193 3.37 -1.35 -15.31
N SER A 203 2.48 12.09 -10.69
CA SER A 203 3.86 11.75 -10.28
C SER A 203 4.81 12.99 -10.30
N GLY A 204 5.25 13.41 -9.12
CA GLY A 204 5.91 14.71 -9.04
C GLY A 204 7.36 14.73 -9.46
N VAL A 205 7.98 15.90 -9.28
CA VAL A 205 9.34 16.16 -9.71
C VAL A 205 10.02 17.09 -8.71
N PRO A 206 11.33 17.26 -8.84
CA PRO A 206 12.04 18.12 -7.89
C PRO A 206 11.58 19.58 -7.91
N ASP A 207 11.46 20.19 -6.74
CA ASP A 207 11.19 21.63 -6.63
C ASP A 207 12.42 22.48 -6.97
N ASP A 208 13.63 21.92 -6.89
CA ASP A 208 14.86 22.67 -7.10
C ASP A 208 15.27 22.56 -8.58
N HIS A 209 14.66 23.39 -9.42
CA HIS A 209 14.82 23.28 -10.86
C HIS A 209 16.25 23.52 -11.29
N ALA A 210 16.87 24.52 -10.69
CA ALA A 210 18.25 24.85 -11.00
C ALA A 210 19.21 23.69 -10.71
N ARG A 211 19.05 23.05 -9.54
CA ARG A 211 19.86 21.87 -9.23
C ARG A 211 19.62 20.72 -10.23
N GLN A 212 18.36 20.49 -10.59
CA GLN A 212 18.04 19.49 -11.58
C GLN A 212 18.68 19.87 -12.93
N ALA A 213 18.63 21.16 -13.28
CA ALA A 213 19.26 21.59 -14.54
C ALA A 213 20.77 21.33 -14.53
N GLU A 214 21.43 21.49 -13.38
CA GLU A 214 22.84 21.08 -13.28
C GLU A 214 23.04 19.64 -13.58
N TYR A 215 22.13 18.78 -13.12
CA TYR A 215 22.26 17.34 -13.38
C TYR A 215 22.13 17.05 -14.89
N GLU A 216 21.21 17.76 -15.53
CA GLU A 216 20.93 17.57 -16.95
C GLU A 216 22.05 18.09 -17.88
N ALA A 217 22.82 19.07 -17.43
CA ALA A 217 23.89 19.63 -18.22
C ALA A 217 25.24 19.02 -17.88
N GLY A 218 25.32 18.23 -16.81
CA GLY A 218 26.59 17.62 -16.43
C GLY A 218 26.66 16.16 -16.85
N PRO A 219 27.44 15.34 -16.12
CA PRO A 219 27.73 13.93 -16.45
C PRO A 219 26.47 13.06 -16.44
N ASN A 220 25.38 13.50 -15.81
CA ASN A 220 24.13 12.73 -15.81
C ASN A 220 23.17 13.21 -16.92
N ALA A 221 23.69 13.93 -17.91
CA ALA A 221 22.88 14.37 -19.05
C ALA A 221 22.13 13.18 -19.67
N GLY A 222 20.81 13.28 -19.84
CA GLY A 222 20.07 12.20 -20.48
C GLY A 222 19.72 10.98 -19.58
N LEU A 223 20.20 10.98 -18.35
CA LEU A 223 20.04 9.78 -17.50
C LEU A 223 18.58 9.53 -17.13
N GLY A 224 17.85 10.60 -16.81
CA GLY A 224 16.43 10.54 -16.57
C GLY A 224 15.66 9.76 -17.65
N GLU A 225 15.76 10.22 -18.91
CA GLU A 225 15.07 9.53 -20.00
C GLU A 225 15.61 8.13 -20.25
N GLU A 226 16.91 7.97 -20.10
CA GLU A 226 17.57 6.70 -20.26
C GLU A 226 16.97 5.69 -19.25
N ILE A 227 16.79 6.15 -18.00
CA ILE A 227 16.18 5.27 -16.99
C ILE A 227 14.73 4.94 -17.36
N LYS A 228 13.93 5.93 -17.73
CA LYS A 228 12.53 5.60 -18.00
C LYS A 228 12.39 4.59 -19.10
N LYS A 229 13.21 4.71 -20.13
CA LYS A 229 13.12 3.85 -21.32
C LYS A 229 13.65 2.45 -20.94
N ALA A 230 14.78 2.39 -20.26
CA ALA A 230 15.35 1.07 -19.97
C ALA A 230 14.41 0.26 -19.05
N PHE A 231 13.76 0.93 -18.10
CA PHE A 231 12.91 0.20 -17.19
C PHE A 231 11.52 -0.08 -17.74
N ALA A 232 11.01 0.81 -18.58
CA ALA A 232 9.77 0.51 -19.30
C ALA A 232 9.96 -0.75 -20.12
N ALA A 233 11.11 -0.90 -20.77
CA ALA A 233 11.32 -1.99 -21.70
C ALA A 233 11.28 -3.40 -21.12
N ILE A 234 11.53 -3.53 -19.82
CA ILE A 234 11.51 -4.86 -19.20
C ILE A 234 10.12 -5.29 -18.67
N VAL A 235 9.14 -4.39 -18.71
CA VAL A 235 7.77 -4.79 -18.32
C VAL A 235 7.07 -5.48 -19.51
N PRO A 236 6.67 -6.75 -19.32
CA PRO A 236 5.89 -7.47 -20.31
C PRO A 236 4.68 -6.65 -20.71
N PRO A 237 4.47 -6.50 -22.03
CA PRO A 237 3.38 -5.66 -22.54
C PRO A 237 2.00 -6.11 -22.05
N ASP A 238 1.83 -7.40 -21.78
CA ASP A 238 0.54 -7.90 -21.30
C ASP A 238 0.47 -7.99 -19.77
N ALA A 239 1.43 -7.41 -19.05
CA ALA A 239 1.35 -7.41 -17.58
C ALA A 239 0.10 -6.63 -17.20
N ASP A 240 -0.74 -7.21 -16.38
CA ASP A 240 -1.99 -6.57 -15.99
C ASP A 240 -2.08 -6.34 -14.48
N VAL A 241 -2.30 -5.08 -14.15
CA VAL A 241 -2.46 -4.61 -12.80
C VAL A 241 -3.57 -5.34 -12.00
N SER A 242 -4.51 -5.95 -12.69
CA SER A 242 -5.56 -6.74 -12.06
C SER A 242 -4.99 -8.00 -11.36
N LEU A 243 -3.76 -8.38 -11.69
CA LEU A 243 -3.13 -9.51 -11.00
C LEU A 243 -3.04 -9.21 -9.51
N VAL A 244 -2.83 -7.94 -9.16
CA VAL A 244 -2.67 -7.55 -7.78
C VAL A 244 -4.02 -7.69 -7.09
N ALA A 245 -5.09 -7.17 -7.70
CA ALA A 245 -6.42 -7.28 -7.12
C ALA A 245 -6.76 -8.75 -6.90
N ASP A 246 -6.38 -9.61 -7.82
CA ASP A 246 -6.80 -11.00 -7.66
C ASP A 246 -5.98 -11.66 -6.57
N ALA A 247 -4.72 -11.29 -6.42
CA ALA A 247 -3.92 -11.81 -5.28
C ALA A 247 -4.54 -11.40 -3.98
N ILE A 248 -5.07 -10.19 -3.91
CA ILE A 248 -5.67 -9.73 -2.65
C ILE A 248 -6.99 -10.42 -2.27
N VAL A 249 -7.84 -10.64 -3.26
CA VAL A 249 -9.07 -11.40 -3.08
C VAL A 249 -8.71 -12.78 -2.55
N ARG A 250 -7.69 -13.43 -3.14
CA ARG A 250 -7.21 -14.74 -2.63
C ARG A 250 -6.68 -14.70 -1.21
N VAL A 251 -5.89 -13.68 -0.85
CA VAL A 251 -5.50 -13.56 0.57
C VAL A 251 -6.71 -13.46 1.51
N VAL A 252 -7.61 -12.53 1.20
CA VAL A 252 -8.79 -12.34 2.02
C VAL A 252 -9.62 -13.64 2.08
N GLY A 253 -9.69 -14.37 0.98
CA GLY A 253 -10.44 -15.62 0.98
C GLY A 253 -9.75 -16.83 1.59
N THR A 254 -8.50 -16.69 2.05
CA THR A 254 -7.79 -17.80 2.69
C THR A 254 -8.21 -17.87 4.14
N ALA A 255 -8.26 -19.08 4.71
CA ALA A 255 -8.72 -19.24 6.10
C ALA A 255 -7.84 -18.50 7.09
N SER A 256 -8.44 -18.08 8.21
CA SER A 256 -7.73 -17.29 9.17
C SER A 256 -6.59 -18.11 9.75
N GLY A 257 -5.43 -17.47 9.95
CA GLY A 257 -4.29 -18.24 10.41
C GLY A 257 -3.47 -18.92 9.32
N LYS A 258 -4.03 -19.06 8.11
CA LYS A 258 -3.25 -19.61 7.01
C LYS A 258 -2.90 -18.60 5.89
N ARG A 259 -3.06 -17.32 6.16
CA ARG A 259 -2.65 -16.32 5.16
C ARG A 259 -1.13 -16.16 4.98
N PRO A 260 -0.67 -16.02 3.71
CA PRO A 260 0.76 -15.85 3.49
C PRO A 260 1.18 -14.53 4.11
N PHE A 261 2.41 -14.43 4.59
CA PHE A 261 2.97 -13.16 5.06
C PHE A 261 3.27 -12.10 3.94
N ARG A 262 3.79 -12.55 2.81
CA ARG A 262 4.00 -11.71 1.65
C ARG A 262 3.51 -12.38 0.39
N VAL A 263 2.98 -11.60 -0.55
CA VAL A 263 2.54 -12.18 -1.84
C VAL A 263 3.25 -11.28 -2.86
N HIS A 264 4.00 -11.90 -3.76
CA HIS A 264 4.78 -11.22 -4.79
C HIS A 264 3.98 -11.22 -6.10
N VAL A 265 3.76 -10.05 -6.67
CA VAL A 265 3.09 -9.94 -7.97
C VAL A 265 3.93 -9.06 -8.87
N ASP A 266 4.90 -9.64 -9.55
CA ASP A 266 5.96 -8.85 -10.20
C ASP A 266 6.32 -9.48 -11.57
N PRO A 267 5.53 -9.18 -12.59
CA PRO A 267 5.82 -9.68 -13.95
C PRO A 267 7.23 -9.34 -14.50
N ALA A 268 7.78 -8.19 -14.14
CA ALA A 268 9.12 -7.86 -14.59
C ALA A 268 10.18 -8.70 -13.86
N GLU A 269 9.80 -9.40 -12.78
CA GLU A 269 10.75 -10.27 -12.06
C GLU A 269 12.04 -9.53 -11.65
N ASP A 270 11.88 -8.42 -10.91
CA ASP A 270 13.02 -7.68 -10.45
C ASP A 270 13.75 -8.32 -9.20
N GLY A 271 13.27 -9.46 -8.70
CA GLY A 271 13.97 -10.21 -7.66
C GLY A 271 13.51 -10.00 -6.22
N ALA A 272 12.53 -9.13 -6.01
CA ALA A 272 12.05 -8.86 -4.65
C ALA A 272 11.51 -10.16 -4.02
N ASP A 273 11.10 -11.11 -4.85
CA ASP A 273 10.63 -12.37 -4.31
C ASP A 273 11.76 -13.07 -3.59
N VAL A 274 12.96 -13.00 -4.17
CA VAL A 274 14.14 -13.63 -3.66
C VAL A 274 14.65 -12.80 -2.49
N GLY A 275 14.83 -11.48 -2.69
CA GLY A 275 15.28 -10.63 -1.59
C GLY A 275 14.39 -10.80 -0.33
N PHE A 276 13.08 -10.66 -0.48
CA PHE A 276 12.23 -10.73 0.69
C PHE A 276 12.18 -12.11 1.32
N SER A 277 12.30 -13.14 0.53
CA SER A 277 12.19 -14.43 1.14
C SER A 277 13.46 -14.72 1.99
N VAL A 278 14.61 -14.23 1.56
CA VAL A 278 15.79 -14.19 2.43
C VAL A 278 15.58 -13.29 3.66
N LEU A 279 15.17 -12.03 3.46
CA LEU A 279 14.94 -11.18 4.66
C LEU A 279 13.91 -11.77 5.64
N ASP A 280 12.78 -12.27 5.11
CA ASP A 280 11.76 -12.88 5.95
C ASP A 280 12.37 -14.04 6.79
N ARG A 281 13.23 -14.84 6.16
CA ARG A 281 13.82 -16.03 6.79
C ARG A 281 14.77 -15.58 7.92
N LEU A 282 15.62 -14.61 7.64
CA LEU A 282 16.52 -14.04 8.66
C LEU A 282 15.78 -13.41 9.85
N ARG A 283 14.66 -12.76 9.60
CA ARG A 283 13.89 -12.13 10.66
C ARG A 283 13.22 -13.15 11.56
N ALA A 284 12.62 -14.18 10.96
CA ALA A 284 12.06 -15.27 11.72
C ALA A 284 13.13 -16.03 12.52
N GLU A 285 14.30 -16.23 11.92
CA GLU A 285 15.37 -16.92 12.56
C GLU A 285 15.73 -16.17 13.85
N MSE A 286 15.72 -14.84 13.78
CA MSE A 286 16.12 -14.02 14.91
C MSE A 286 15.05 -14.18 16.03
O MSE A 286 15.37 -14.29 17.20
CB MSE A 286 16.31 -12.58 14.50
CG MSE A 286 16.43 -11.59 15.66
SE MSE A 286 18.03 -11.99 16.81
CE MSE A 286 19.41 -11.22 15.66
N LEU A 287 13.78 -14.24 15.67
CA LEU A 287 12.76 -14.30 16.71
C LEU A 287 12.76 -15.67 17.38
N HIS A 288 13.07 -16.71 16.61
CA HIS A 288 13.26 -18.04 17.20
C HIS A 288 14.46 -18.03 18.13
N ARG A 289 15.53 -17.40 17.69
CA ARG A 289 16.75 -17.31 18.45
C ARG A 289 16.55 -16.65 19.81
N VAL A 290 15.73 -15.60 19.90
CA VAL A 290 15.57 -14.92 21.18
C VAL A 290 14.38 -15.42 22.02
N GLY A 291 13.65 -16.43 21.55
CA GLY A 291 12.58 -17.00 22.32
C GLY A 291 11.27 -16.28 22.05
N LEU A 292 11.19 -15.53 20.94
CA LEU A 292 9.95 -14.81 20.63
C LEU A 292 9.26 -15.32 19.40
N SER A 293 9.35 -16.62 19.14
CA SER A 293 8.77 -17.13 17.90
C SER A 293 7.23 -17.04 17.88
N ASP A 294 6.58 -16.87 19.04
CA ASP A 294 5.12 -16.77 19.06
C ASP A 294 4.66 -15.49 18.33
N LEU A 295 5.52 -14.48 18.27
CA LEU A 295 5.22 -13.25 17.55
C LEU A 295 5.07 -13.46 16.03
N LEU A 296 5.46 -14.64 15.56
CA LEU A 296 5.45 -14.95 14.12
C LEU A 296 4.08 -15.46 13.75
N LYS A 297 3.26 -15.70 14.77
CA LYS A 297 1.98 -16.33 14.50
C LYS A 297 0.85 -15.76 15.35
N PRO A 298 -0.03 -14.97 14.75
CA PRO A 298 -1.18 -14.35 15.45
C PRO A 298 -1.93 -15.34 16.34
N ARG A 299 -2.24 -14.94 17.48
CA ARG A 299 -2.84 -15.74 18.51
C ARG A 299 -4.20 -16.29 18.15
#